data_5Q0M
#
_entry.id   5Q0M
#
_cell.length_a   93.562
_cell.length_b   93.562
_cell.length_c   45.590
_cell.angle_alpha   90.000
_cell.angle_beta   90.000
_cell.angle_gamma   120.000
#
_symmetry.space_group_name_H-M   'P 65'
#
loop_
_entity.id
_entity.type
_entity.pdbx_description
1 polymer 'Bile acid receptor'
2 polymer 'COACTIVATOR PEPTIDE SRC-1 HD3'
3 non-polymer '5-{[(3beta,5beta,14beta,17alpha)-3-hydroxy-24-oxocholan-24-yl]amino}benzene-1,3-dicarboxylic acid'
4 water water
#
loop_
_entity_poly.entity_id
_entity_poly.type
_entity_poly.pdbx_seq_one_letter_code
_entity_poly.pdbx_strand_id
1 'polypeptide(L)'
;GSHMELTPDQQTLLHFIMDSYNKQRMPQEITNKILKEAFSAEENFLILTEMATNHVQVLVEFTKKLPGFQTLDHEDQIAL
LKGSAVEAMFLRSAEIFNKKLPSGHSDLLEARIRNSGISDEYITPMFSFYKSIGELKMTQEEYALLTAIVILSPDRQYIK
DREAVEKLQEPLLDVLQKLCKIHQPENPQHFACLLGRLTELRTFNHHHAEMLMSWRVNDHKFTPLLCEIWDVQ
;
A
2 'polypeptide(L)' KDHQLLRYLLDKDE B
#
loop_
_chem_comp.id
_chem_comp.type
_chem_comp.name
_chem_comp.formula
9L1 non-polymer '5-{[(3beta,5beta,14beta,17alpha)-3-hydroxy-24-oxocholan-24-yl]amino}benzene-1,3-dicarboxylic acid' 'C32 H45 N O6'
#
# COMPACT_ATOMS: atom_id res chain seq x y z
N MET A 4 -22.04 -5.75 20.11
CA MET A 4 -21.49 -6.85 19.34
C MET A 4 -19.99 -6.68 19.07
N GLU A 5 -19.24 -7.81 19.08
CA GLU A 5 -17.79 -7.85 19.08
C GLU A 5 -17.31 -8.84 18.01
N LEU A 6 -16.01 -8.79 17.70
CA LEU A 6 -15.36 -9.80 16.89
C LEU A 6 -15.44 -11.17 17.55
N THR A 7 -15.71 -12.21 16.76
CA THR A 7 -15.62 -13.56 17.24
C THR A 7 -14.17 -13.90 17.57
N PRO A 8 -13.94 -14.96 18.35
CA PRO A 8 -12.55 -15.39 18.58
C PRO A 8 -11.77 -15.58 17.29
N ASP A 9 -12.42 -16.00 16.21
CA ASP A 9 -11.68 -16.25 15.00
C ASP A 9 -11.38 -14.97 14.24
N GLN A 10 -12.20 -13.95 14.39
CA GLN A 10 -11.89 -12.63 13.84
C GLN A 10 -10.84 -11.91 14.67
N GLN A 11 -10.86 -12.09 15.99
CA GLN A 11 -9.76 -11.55 16.80
C GLN A 11 -8.45 -12.17 16.39
N THR A 12 -8.43 -13.48 16.19
CA THR A 12 -7.22 -14.15 15.74
C THR A 12 -6.76 -13.61 14.41
N LEU A 13 -7.69 -13.50 13.44
CA LEU A 13 -7.35 -12.97 12.13
C LEU A 13 -6.78 -11.56 12.24
N LEU A 14 -7.47 -10.69 12.98
CA LEU A 14 -7.01 -9.33 13.14
C LEU A 14 -5.63 -9.28 13.79
N HIS A 15 -5.36 -10.20 14.74
CA HIS A 15 -4.07 -10.21 15.39
C HIS A 15 -2.94 -10.55 14.43
N PHE A 16 -3.15 -11.54 13.57
CA PHE A 16 -2.08 -11.91 12.64
C PHE A 16 -1.79 -10.78 11.65
N ILE A 17 -2.83 -10.15 11.13
CA ILE A 17 -2.67 -8.98 10.25
C ILE A 17 -1.93 -7.88 10.97
N MET A 18 -2.32 -7.58 12.22
CA MET A 18 -1.70 -6.46 12.91
C MET A 18 -0.24 -6.72 13.19
N ASP A 19 0.10 -7.96 13.56
CA ASP A 19 1.47 -8.27 13.91
C ASP A 19 2.39 -8.15 12.69
N SER A 20 1.89 -8.51 11.52
CA SER A 20 2.66 -8.38 10.29
C SER A 20 2.76 -6.93 9.83
N TYR A 21 1.69 -6.15 10.03
CA TYR A 21 1.71 -4.73 9.68
C TYR A 21 2.71 -3.95 10.54
N ASN A 22 2.77 -4.26 11.83
CA ASN A 22 3.67 -3.53 12.71
C ASN A 22 5.15 -3.80 12.44
N LYS A 23 5.50 -4.96 11.88
CA LYS A 23 6.91 -5.20 11.60
C LYS A 23 7.39 -4.52 10.32
N GLN A 24 6.56 -3.74 9.65
CA GLN A 24 7.06 -2.91 8.56
C GLN A 24 7.91 -1.78 9.14
N ARG A 25 9.12 -1.63 8.60
CA ARG A 25 9.95 -0.48 8.89
C ARG A 25 10.76 -0.14 7.63
N MET A 26 10.93 1.12 7.40
CA MET A 26 11.85 1.50 6.34
C MET A 26 13.18 1.94 6.93
N PRO A 27 14.29 1.51 6.30
CA PRO A 27 15.62 1.79 6.87
C PRO A 27 15.91 3.27 6.99
N GLN A 28 16.42 3.66 8.17
CA GLN A 28 16.93 5.00 8.38
C GLN A 28 17.95 5.37 7.31
N GLU A 29 18.66 4.38 6.76
CA GLU A 29 19.59 4.62 5.64
C GLU A 29 18.91 5.32 4.47
N ILE A 30 17.68 4.88 4.13
CA ILE A 30 16.91 5.54 3.08
C ILE A 30 16.40 6.89 3.56
N THR A 31 15.71 6.90 4.71
CA THR A 31 15.16 8.13 5.29
C THR A 31 16.17 9.26 5.34
N ASN A 32 17.44 8.95 5.64
CA ASN A 32 18.45 9.99 5.65
C ASN A 32 18.66 10.58 4.27
N LYS A 33 18.50 9.76 3.22
CA LYS A 33 18.72 10.29 1.88
C LYS A 33 17.73 11.39 1.57
N ILE A 34 16.48 11.23 2.00
CA ILE A 34 15.50 12.31 1.89
C ILE A 34 16.05 13.60 2.48
N LEU A 35 16.76 13.49 3.60
CA LEU A 35 17.22 14.68 4.28
C LEU A 35 18.52 15.22 3.66
N LYS A 36 19.36 14.35 3.08
CA LYS A 36 20.76 14.70 2.84
C LYS A 36 21.22 14.71 1.39
N GLU A 37 20.53 14.04 0.48
CA GLU A 37 21.09 13.99 -0.86
C GLU A 37 20.78 15.28 -1.60
N ALA A 38 21.56 15.54 -2.65
CA ALA A 38 21.37 16.73 -3.47
C ALA A 38 19.96 16.78 -4.04
N PHE A 39 19.58 17.98 -4.48
CA PHE A 39 18.24 18.31 -4.91
C PHE A 39 18.25 18.63 -6.39
N SER A 40 17.46 17.90 -7.17
CA SER A 40 17.32 18.12 -8.61
C SER A 40 16.31 17.10 -9.10
N ALA A 41 15.85 17.29 -10.34
CA ALA A 41 14.80 16.42 -10.86
C ALA A 41 15.29 14.98 -10.97
N GLU A 42 16.55 14.78 -11.35
CA GLU A 42 17.06 13.43 -11.56
C GLU A 42 17.40 12.76 -10.24
N GLU A 43 18.06 13.49 -9.35
CA GLU A 43 18.35 12.95 -8.03
C GLU A 43 17.08 12.67 -7.26
N ASN A 44 16.13 13.61 -7.28
CA ASN A 44 14.86 13.41 -6.59
C ASN A 44 14.15 12.16 -7.10
N PHE A 45 14.07 11.99 -8.41
CA PHE A 45 13.39 10.81 -8.91
C PHE A 45 14.13 9.55 -8.50
N LEU A 46 15.47 9.60 -8.48
CA LEU A 46 16.25 8.44 -8.06
C LEU A 46 15.93 8.07 -6.61
N ILE A 47 15.94 9.06 -5.70
CA ILE A 47 15.65 8.77 -4.29
C ILE A 47 14.25 8.22 -4.14
N LEU A 48 13.27 8.83 -4.80
CA LEU A 48 11.89 8.38 -4.65
C LEU A 48 11.74 6.98 -5.22
N THR A 49 12.51 6.66 -6.25
CA THR A 49 12.48 5.31 -6.80
C THR A 49 13.07 4.30 -5.80
N GLU A 50 14.00 4.74 -4.96
CA GLU A 50 14.58 3.85 -3.96
C GLU A 50 13.59 3.58 -2.84
N MET A 51 12.88 4.61 -2.39
CA MET A 51 11.83 4.43 -1.40
C MET A 51 10.75 3.48 -1.90
N ALA A 52 10.30 3.66 -3.14
CA ALA A 52 9.30 2.74 -3.69
C ALA A 52 9.83 1.33 -3.74
N THR A 53 11.09 1.16 -4.15
CA THR A 53 11.69 -0.17 -4.15
C THR A 53 11.64 -0.80 -2.75
N ASN A 54 11.91 0.00 -1.71
CA ASN A 54 11.82 -0.53 -0.36
C ASN A 54 10.38 -0.84 0.01
N HIS A 55 9.42 0.00 -0.39
CA HIS A 55 8.07 -0.36 0.01
CA HIS A 55 8.02 -0.30 -0.09
C HIS A 55 7.60 -1.64 -0.65
N VAL A 56 8.10 -1.97 -1.85
CA VAL A 56 7.72 -3.24 -2.44
C VAL A 56 8.30 -4.39 -1.64
N GLN A 57 9.53 -4.25 -1.13
CA GLN A 57 10.09 -5.33 -0.30
C GLN A 57 9.30 -5.49 0.99
N VAL A 58 9.02 -4.37 1.67
CA VAL A 58 8.18 -4.42 2.87
C VAL A 58 6.84 -5.09 2.54
N LEU A 59 6.28 -4.72 1.38
CA LEU A 59 5.00 -5.26 0.96
C LEU A 59 5.05 -6.78 0.77
N VAL A 60 6.10 -7.31 0.16
CA VAL A 60 6.19 -8.76 0.00
C VAL A 60 6.26 -9.44 1.38
N GLU A 61 7.06 -8.88 2.30
CA GLU A 61 7.13 -9.45 3.64
C GLU A 61 5.77 -9.41 4.33
N PHE A 62 5.08 -8.26 4.27
CA PHE A 62 3.73 -8.16 4.82
C PHE A 62 2.83 -9.22 4.22
N THR A 63 2.84 -9.32 2.90
CA THR A 63 1.88 -10.16 2.19
C THR A 63 2.09 -11.63 2.49
N LYS A 64 3.34 -12.07 2.67
CA LYS A 64 3.57 -13.50 2.91
C LYS A 64 2.97 -13.95 4.23
N LYS A 65 2.82 -13.04 5.17
CA LYS A 65 2.29 -13.40 6.47
C LYS A 65 0.78 -13.20 6.57
N LEU A 66 0.13 -12.79 5.48
CA LEU A 66 -1.32 -12.63 5.51
C LEU A 66 -1.93 -14.00 5.61
N PRO A 67 -2.92 -14.21 6.48
CA PRO A 67 -3.49 -15.54 6.64
C PRO A 67 -4.07 -16.04 5.33
N GLY A 68 -3.56 -17.19 4.87
CA GLY A 68 -4.02 -17.84 3.67
C GLY A 68 -3.22 -17.52 2.42
N PHE A 69 -2.48 -16.41 2.40
CA PHE A 69 -1.75 -16.05 1.18
C PHE A 69 -0.79 -17.14 0.75
N GLN A 70 -0.08 -17.74 1.69
CA GLN A 70 0.89 -18.73 1.25
C GLN A 70 0.24 -20.07 0.93
N THR A 71 -1.09 -20.19 1.03
CA THR A 71 -1.79 -21.33 0.46
C THR A 71 -2.23 -21.11 -0.99
N LEU A 72 -2.21 -19.88 -1.50
CA LEU A 72 -2.53 -19.64 -2.89
C LEU A 72 -1.44 -20.24 -3.79
N ASP A 73 -1.79 -20.44 -5.06
CA ASP A 73 -0.77 -20.93 -5.98
C ASP A 73 0.22 -19.82 -6.30
N HIS A 74 1.49 -20.22 -6.51
CA HIS A 74 2.57 -19.26 -6.68
C HIS A 74 2.27 -18.22 -7.76
N GLU A 75 1.72 -18.65 -8.91
CA GLU A 75 1.42 -17.70 -9.97
C GLU A 75 0.41 -16.65 -9.52
N ASP A 76 -0.60 -17.09 -8.76
CA ASP A 76 -1.55 -16.11 -8.24
C ASP A 76 -0.90 -15.18 -7.22
N GLN A 77 0.06 -15.69 -6.44
CA GLN A 77 0.77 -14.82 -5.51
C GLN A 77 1.48 -13.69 -6.24
N ILE A 78 2.13 -14.01 -7.35
CA ILE A 78 2.80 -12.99 -8.16
C ILE A 78 1.77 -12.04 -8.76
N ALA A 79 0.67 -12.59 -9.28
CA ALA A 79 -0.37 -11.76 -9.90
C ALA A 79 -0.98 -10.79 -8.90
N LEU A 80 -1.13 -11.22 -7.65
CA LEU A 80 -1.71 -10.33 -6.66
C LEU A 80 -0.75 -9.19 -6.34
N LEU A 81 0.55 -9.49 -6.25
CA LEU A 81 1.52 -8.47 -5.88
C LEU A 81 1.67 -7.42 -6.99
N LYS A 82 1.68 -7.87 -8.24
CA LYS A 82 1.82 -6.94 -9.35
C LYS A 82 0.61 -6.02 -9.48
N GLY A 83 -0.60 -6.58 -9.30
CA GLY A 83 -1.80 -5.76 -9.43
C GLY A 83 -1.98 -4.75 -8.31
N SER A 84 -1.49 -5.04 -7.11
CA SER A 84 -1.81 -4.16 -5.98
C SER A 84 -0.66 -3.24 -5.55
N ALA A 85 0.53 -3.39 -6.11
CA ALA A 85 1.70 -2.66 -5.63
C ALA A 85 1.43 -1.17 -5.48
N VAL A 86 1.01 -0.52 -6.58
CA VAL A 86 0.85 0.93 -6.57
C VAL A 86 -0.14 1.35 -5.50
N GLU A 87 -1.29 0.67 -5.45
CA GLU A 87 -2.31 1.01 -4.47
C GLU A 87 -1.80 0.80 -3.05
N ALA A 88 -1.09 -0.29 -2.80
CA ALA A 88 -0.63 -0.54 -1.43
C ALA A 88 0.42 0.47 -1.00
N MET A 89 1.29 0.89 -1.93
CA MET A 89 2.29 1.89 -1.61
C MET A 89 1.62 3.18 -1.19
N PHE A 90 0.59 3.60 -1.93
CA PHE A 90 -0.07 4.85 -1.63
C PHE A 90 -0.83 4.78 -0.33
N LEU A 91 -1.49 3.65 -0.04
CA LEU A 91 -2.16 3.51 1.25
C LEU A 91 -1.17 3.62 2.39
N ARG A 92 -0.01 2.95 2.24
CA ARG A 92 0.98 2.94 3.31
C ARG A 92 1.60 4.31 3.46
N SER A 93 1.92 4.94 2.35
CA SER A 93 2.49 6.28 2.43
C SER A 93 1.48 7.26 3.01
N ALA A 94 0.18 7.06 2.70
CA ALA A 94 -0.84 7.93 3.28
C ALA A 94 -0.79 7.87 4.79
N GLU A 95 -0.73 6.66 5.34
CA GLU A 95 -0.65 6.52 6.78
C GLU A 95 0.53 7.29 7.33
N ILE A 96 1.65 7.31 6.60
CA ILE A 96 2.86 7.93 7.16
C ILE A 96 2.78 9.44 7.10
N PHE A 97 2.25 10.01 6.02
CA PHE A 97 2.13 11.46 5.93
C PHE A 97 1.23 12.03 7.03
N ASN A 98 0.15 11.33 7.36
CA ASN A 98 -0.86 11.89 8.24
C ASN A 98 -0.60 11.60 9.72
N LYS A 99 0.31 10.72 10.03
CA LYS A 99 0.48 10.26 11.41
C LYS A 99 1.93 10.28 11.87
N LYS A 100 2.86 9.89 11.00
CA LYS A 100 4.27 9.69 11.34
C LYS A 100 5.10 10.96 11.17
N LEU A 101 5.10 11.52 9.98
CA LEU A 101 6.08 12.52 9.56
C LEU A 101 5.73 13.91 10.10
N PRO A 102 6.69 14.63 10.68
CA PRO A 102 6.42 16.01 11.11
C PRO A 102 6.27 16.95 9.93
N SER A 103 5.86 18.18 10.24
CA SER A 103 5.49 19.14 9.20
C SER A 103 6.67 19.46 8.30
N GLY A 104 7.87 19.60 8.88
CA GLY A 104 9.02 20.06 8.11
C GLY A 104 9.68 18.99 7.25
N HIS A 105 9.61 17.73 7.66
CA HIS A 105 10.21 16.71 6.81
C HIS A 105 9.24 16.15 5.77
N SER A 106 7.95 16.13 6.08
CA SER A 106 6.96 15.99 5.02
C SER A 106 7.17 17.06 3.95
N ASP A 107 7.58 18.27 4.37
CA ASP A 107 7.78 19.37 3.43
C ASP A 107 8.91 19.09 2.44
N LEU A 108 10.03 18.53 2.91
CA LEU A 108 11.13 18.24 1.99
C LEU A 108 10.79 17.08 1.06
N LEU A 109 10.20 16.03 1.63
CA LEU A 109 9.70 14.93 0.84
C LEU A 109 8.77 15.42 -0.29
N GLU A 110 7.81 16.28 0.07
CA GLU A 110 6.87 16.79 -0.94
C GLU A 110 7.59 17.65 -1.97
N ALA A 111 8.54 18.48 -1.51
CA ALA A 111 9.33 19.27 -2.44
C ALA A 111 10.07 18.38 -3.42
N ARG A 112 10.62 17.26 -2.94
CA ARG A 112 11.27 16.34 -3.86
C ARG A 112 10.26 15.77 -4.85
N ILE A 113 9.09 15.38 -4.34
CA ILE A 113 8.08 14.77 -5.19
C ILE A 113 7.66 15.74 -6.29
N ARG A 114 7.44 17.01 -5.93
CA ARG A 114 6.99 18.02 -6.89
C ARG A 114 8.10 18.50 -7.82
N ASN A 115 9.33 18.10 -7.56
CA ASN A 115 10.49 18.51 -8.34
C ASN A 115 11.25 17.27 -8.80
N SER A 116 10.52 16.34 -9.41
CA SER A 116 11.11 15.06 -9.83
C SER A 116 10.76 14.68 -11.27
N GLY A 117 10.16 15.56 -12.05
CA GLY A 117 9.80 15.23 -13.43
C GLY A 117 8.53 14.44 -13.57
N ILE A 118 7.63 14.55 -12.60
CA ILE A 118 6.36 13.86 -12.61
C ILE A 118 5.29 14.93 -12.77
N SER A 119 4.23 14.60 -13.49
CA SER A 119 3.17 15.55 -13.80
C SER A 119 2.35 15.91 -12.58
N ASP A 120 1.89 17.17 -12.54
CA ASP A 120 0.89 17.54 -11.55
C ASP A 120 -0.41 16.77 -11.74
N GLU A 121 -0.64 16.20 -12.93
CA GLU A 121 -1.73 15.25 -13.12
C GLU A 121 -1.63 14.11 -12.12
N TYR A 122 -0.42 13.66 -11.84
CA TYR A 122 -0.20 12.64 -10.82
C TYR A 122 -0.17 13.26 -9.44
N ILE A 123 0.54 14.39 -9.29
CA ILE A 123 0.88 14.85 -7.96
C ILE A 123 -0.35 15.37 -7.25
N THR A 124 -1.24 16.03 -7.99
CA THR A 124 -2.38 16.66 -7.32
C THR A 124 -3.33 15.62 -6.73
N PRO A 125 -3.84 14.63 -7.47
CA PRO A 125 -4.70 13.63 -6.82
C PRO A 125 -3.99 12.90 -5.69
N MET A 126 -2.68 12.69 -5.83
CA MET A 126 -1.90 12.06 -4.77
C MET A 126 -2.02 12.83 -3.45
N PHE A 127 -1.71 14.13 -3.45
CA PHE A 127 -1.81 14.87 -2.18
C PHE A 127 -3.25 15.09 -1.77
N SER A 128 -4.18 15.14 -2.72
CA SER A 128 -5.58 15.20 -2.34
C SER A 128 -6.03 13.92 -1.65
N PHE A 129 -5.53 12.76 -2.11
CA PHE A 129 -5.79 11.49 -1.42
C PHE A 129 -5.24 11.50 0.00
N TYR A 130 -3.98 11.91 0.17
CA TYR A 130 -3.39 11.96 1.51
C TYR A 130 -4.27 12.74 2.48
N LYS A 131 -4.70 13.94 2.07
CA LYS A 131 -5.47 14.76 3.00
C LYS A 131 -6.87 14.20 3.23
N SER A 132 -7.47 13.59 2.21
CA SER A 132 -8.78 13.00 2.41
C SER A 132 -8.72 11.78 3.30
N ILE A 133 -7.63 11.00 3.20
CA ILE A 133 -7.45 9.88 4.10
C ILE A 133 -7.16 10.37 5.52
N GLY A 134 -6.33 11.40 5.66
CA GLY A 134 -6.05 11.91 6.98
C GLY A 134 -7.28 12.43 7.69
N GLU A 135 -8.30 12.84 6.93
CA GLU A 135 -9.52 13.32 7.54
C GLU A 135 -10.25 12.21 8.29
N LEU A 136 -10.13 10.98 7.80
CA LEU A 136 -10.95 9.91 8.34
C LEU A 136 -10.51 9.49 9.72
N LYS A 137 -9.30 9.85 10.11
CA LYS A 137 -8.75 9.49 11.41
C LYS A 137 -8.81 7.97 11.64
N MET A 138 -8.31 7.22 10.66
CA MET A 138 -8.30 5.77 10.74
C MET A 138 -7.40 5.27 11.85
N THR A 139 -7.80 4.17 12.47
CA THR A 139 -6.93 3.42 13.35
C THR A 139 -5.87 2.71 12.52
N GLN A 140 -4.81 2.27 13.21
CA GLN A 140 -3.85 1.34 12.63
C GLN A 140 -4.52 0.07 12.12
N GLU A 141 -5.47 -0.47 12.90
CA GLU A 141 -6.22 -1.66 12.49
C GLU A 141 -6.90 -1.43 11.15
N GLU A 142 -7.48 -0.23 10.95
CA GLU A 142 -8.14 0.06 9.69
C GLU A 142 -7.14 0.16 8.54
N TYR A 143 -5.96 0.78 8.78
CA TYR A 143 -4.95 0.83 7.73
C TYR A 143 -4.47 -0.57 7.33
N ALA A 144 -4.31 -1.45 8.32
CA ALA A 144 -3.75 -2.78 8.06
C ALA A 144 -4.74 -3.69 7.36
N LEU A 145 -5.98 -3.72 7.83
CA LEU A 145 -7.05 -4.45 7.13
C LEU A 145 -7.29 -3.93 5.71
N LEU A 146 -7.41 -2.61 5.56
CA LEU A 146 -7.59 -2.04 4.22
C LEU A 146 -6.46 -2.43 3.29
N THR A 147 -5.23 -2.38 3.78
CA THR A 147 -4.10 -2.82 2.97
C THR A 147 -4.21 -4.29 2.65
N ALA A 148 -4.55 -5.12 3.63
CA ALA A 148 -4.77 -6.53 3.32
C ALA A 148 -5.84 -6.71 2.26
N ILE A 149 -6.92 -5.91 2.35
CA ILE A 149 -8.05 -6.06 1.42
C ILE A 149 -7.67 -5.58 0.02
N VAL A 150 -6.85 -4.55 -0.08
CA VAL A 150 -6.32 -4.12 -1.37
C VAL A 150 -5.51 -5.24 -2.00
N ILE A 151 -4.69 -5.93 -1.20
CA ILE A 151 -3.79 -6.94 -1.75
C ILE A 151 -4.56 -8.17 -2.19
N LEU A 152 -5.52 -8.62 -1.39
CA LEU A 152 -6.27 -9.83 -1.73
C LEU A 152 -7.49 -9.47 -2.60
N SER A 153 -7.26 -8.72 -3.69
CA SER A 153 -8.37 -8.23 -4.50
C SER A 153 -8.61 -9.22 -5.62
N PRO A 154 -9.74 -9.93 -5.62
CA PRO A 154 -9.89 -11.09 -6.49
C PRO A 154 -10.02 -10.76 -7.96
N ASP A 155 -10.14 -9.48 -8.34
CA ASP A 155 -10.41 -9.13 -9.73
C ASP A 155 -9.22 -8.41 -10.40
N ARG A 156 -8.00 -8.68 -9.94
CA ARG A 156 -6.85 -8.26 -10.71
C ARG A 156 -6.76 -9.10 -11.97
N GLN A 157 -6.14 -8.52 -12.99
CA GLN A 157 -5.86 -9.29 -14.18
C GLN A 157 -4.93 -10.46 -13.85
N TYR A 158 -5.15 -11.58 -14.55
CA TYR A 158 -4.19 -12.66 -14.69
C TYR A 158 -4.15 -13.62 -13.50
N ILE A 159 -5.18 -13.66 -12.69
CA ILE A 159 -5.24 -14.62 -11.59
C ILE A 159 -5.90 -15.89 -12.08
N LYS A 160 -5.43 -17.04 -11.61
CA LYS A 160 -6.04 -18.31 -11.98
C LYS A 160 -7.30 -18.59 -11.15
N ASP A 161 -7.12 -18.88 -9.87
CA ASP A 161 -8.20 -19.29 -8.98
C ASP A 161 -8.72 -18.06 -8.25
N ARG A 162 -9.71 -17.40 -8.85
CA ARG A 162 -10.27 -16.19 -8.25
C ARG A 162 -11.09 -16.50 -7.00
N GLU A 163 -11.68 -17.69 -6.91
CA GLU A 163 -12.51 -18.00 -5.77
C GLU A 163 -11.68 -18.18 -4.52
N ALA A 164 -10.52 -18.83 -4.63
CA ALA A 164 -9.65 -18.97 -3.46
C ALA A 164 -9.20 -17.60 -2.94
N VAL A 165 -9.12 -16.60 -3.82
CA VAL A 165 -8.79 -15.26 -3.36
C VAL A 165 -10.02 -14.61 -2.74
N GLU A 166 -11.18 -14.78 -3.36
CA GLU A 166 -12.43 -14.34 -2.75
C GLU A 166 -12.55 -14.87 -1.33
N LYS A 167 -12.23 -16.15 -1.15
CA LYS A 167 -12.39 -16.75 0.18
C LYS A 167 -11.47 -16.15 1.21
N LEU A 168 -10.37 -15.52 0.78
CA LEU A 168 -9.49 -14.85 1.73
C LEU A 168 -9.86 -13.39 1.94
N GLN A 169 -10.51 -12.75 0.96
CA GLN A 169 -10.82 -11.33 1.12
C GLN A 169 -12.09 -11.10 1.93
N GLU A 170 -13.16 -11.85 1.65
CA GLU A 170 -14.44 -11.60 2.32
C GLU A 170 -14.35 -11.59 3.84
N PRO A 171 -13.67 -12.52 4.52
CA PRO A 171 -13.57 -12.39 5.99
C PRO A 171 -12.85 -11.13 6.42
N LEU A 172 -11.92 -10.63 5.61
CA LEU A 172 -11.30 -9.35 5.94
C LEU A 172 -12.31 -8.22 5.82
N LEU A 173 -13.14 -8.27 4.78
CA LEU A 173 -14.17 -7.24 4.64
C LEU A 173 -15.11 -7.26 5.84
N ASP A 174 -15.52 -8.46 6.27
CA ASP A 174 -16.39 -8.58 7.45
C ASP A 174 -15.70 -8.02 8.68
N VAL A 175 -14.42 -8.34 8.89
CA VAL A 175 -13.74 -7.80 10.07
C VAL A 175 -13.72 -6.28 10.00
N LEU A 176 -13.48 -5.73 8.81
CA LEU A 176 -13.32 -4.28 8.71
C LEU A 176 -14.63 -3.55 9.02
N GLN A 177 -15.75 -4.09 8.55
CA GLN A 177 -17.02 -3.44 8.84
C GLN A 177 -17.35 -3.52 10.33
N LYS A 178 -17.08 -4.68 10.94
CA LYS A 178 -17.24 -4.78 12.39
C LYS A 178 -16.36 -3.76 13.11
N LEU A 179 -15.12 -3.64 12.67
CA LEU A 179 -14.21 -2.68 13.30
C LEU A 179 -14.72 -1.26 13.18
N CYS A 180 -15.36 -0.91 12.07
CA CYS A 180 -15.87 0.46 11.95
C CYS A 180 -16.94 0.74 12.98
N LYS A 181 -17.80 -0.24 13.25
CA LYS A 181 -18.86 -0.05 14.25
C LYS A 181 -18.30 0.01 15.67
N ILE A 182 -17.15 -0.57 15.92
CA ILE A 182 -16.64 -0.57 17.30
C ILE A 182 -15.64 0.58 17.49
N HIS A 183 -14.79 0.86 16.52
CA HIS A 183 -13.84 1.95 16.68
C HIS A 183 -14.41 3.34 16.42
N GLN A 184 -15.31 3.53 15.45
CA GLN A 184 -15.91 4.84 15.19
C GLN A 184 -17.43 4.72 15.03
N PRO A 185 -18.14 4.27 16.09
CA PRO A 185 -19.60 4.14 15.99
C PRO A 185 -20.34 5.45 16.02
N GLU A 186 -19.64 6.56 16.27
CA GLU A 186 -20.26 7.88 16.12
C GLU A 186 -20.48 8.24 14.65
N ASN A 187 -19.73 7.64 13.72
CA ASN A 187 -20.01 7.78 12.29
C ASN A 187 -20.51 6.46 11.74
N PRO A 188 -21.82 6.22 11.70
CA PRO A 188 -22.35 4.97 11.13
C PRO A 188 -21.92 4.71 9.70
N GLN A 189 -21.50 5.72 8.96
CA GLN A 189 -21.12 5.53 7.57
C GLN A 189 -19.60 5.45 7.36
N HIS A 190 -18.86 5.15 8.43
CA HIS A 190 -17.40 5.10 8.32
C HIS A 190 -16.97 4.04 7.30
N PHE A 191 -17.61 2.88 7.31
CA PHE A 191 -17.25 1.81 6.39
C PHE A 191 -17.36 2.30 4.96
N ALA A 192 -18.47 2.97 4.62
CA ALA A 192 -18.66 3.48 3.26
C ALA A 192 -17.55 4.45 2.87
N CYS A 193 -17.05 5.26 3.81
CA CYS A 193 -15.94 6.17 3.49
C CYS A 193 -14.65 5.41 3.18
N LEU A 194 -14.33 4.36 3.96
CA LEU A 194 -13.20 3.51 3.63
C LEU A 194 -13.34 2.90 2.24
N LEU A 195 -14.57 2.50 1.88
CA LEU A 195 -14.79 1.95 0.56
C LEU A 195 -14.44 2.96 -0.52
N GLY A 196 -14.87 4.21 -0.34
CA GLY A 196 -14.55 5.23 -1.31
C GLY A 196 -13.06 5.40 -1.53
N ARG A 197 -12.26 5.21 -0.47
CA ARG A 197 -10.81 5.25 -0.64
C ARG A 197 -10.29 4.04 -1.40
N LEU A 198 -10.99 2.91 -1.33
CA LEU A 198 -10.61 1.79 -2.20
C LEU A 198 -10.70 2.21 -3.66
N THR A 199 -11.81 2.85 -4.05
CA THR A 199 -11.97 3.19 -5.46
C THR A 199 -11.04 4.33 -5.86
N GLU A 200 -10.94 5.35 -5.00
CA GLU A 200 -9.97 6.43 -5.22
C GLU A 200 -8.53 5.90 -5.40
N LEU A 201 -8.12 4.90 -4.60
CA LEU A 201 -6.80 4.32 -4.80
C LEU A 201 -6.64 3.74 -6.19
N ARG A 202 -7.73 3.22 -6.77
CA ARG A 202 -7.63 2.58 -8.08
C ARG A 202 -7.25 3.57 -9.18
N THR A 203 -7.65 4.83 -9.05
CA THR A 203 -7.27 5.81 -10.07
C THR A 203 -5.76 5.95 -10.22
N PHE A 204 -4.98 5.64 -9.17
CA PHE A 204 -3.54 5.82 -9.28
C PHE A 204 -2.90 4.84 -10.24
N ASN A 205 -3.55 3.71 -10.51
CA ASN A 205 -3.07 2.83 -11.57
C ASN A 205 -3.05 3.57 -12.91
N HIS A 206 -4.07 4.41 -13.14
CA HIS A 206 -4.13 5.15 -14.39
C HIS A 206 -2.96 6.12 -14.50
N HIS A 207 -2.78 6.99 -13.50
CA HIS A 207 -1.71 7.98 -13.57
C HIS A 207 -0.34 7.34 -13.62
N HIS A 208 -0.18 6.25 -12.87
CA HIS A 208 1.10 5.54 -12.88
C HIS A 208 1.41 4.98 -14.25
N ALA A 209 0.42 4.43 -14.94
CA ALA A 209 0.69 3.86 -16.24
C ALA A 209 1.10 4.95 -17.21
N GLU A 210 0.59 6.18 -17.02
CA GLU A 210 0.97 7.28 -17.89
C GLU A 210 2.36 7.80 -17.54
N MET A 211 2.71 7.81 -16.24
CA MET A 211 4.08 8.14 -15.88
C MET A 211 5.05 7.14 -16.50
N LEU A 212 4.69 5.85 -16.47
CA LEU A 212 5.53 4.81 -17.04
C LEU A 212 5.81 5.05 -18.52
N MET A 213 4.80 5.39 -19.31
CA MET A 213 5.00 5.48 -20.75
C MET A 213 6.01 6.56 -21.11
N SER A 214 6.15 7.60 -20.28
CA SER A 214 6.99 8.74 -20.63
C SER A 214 8.48 8.43 -20.55
N TRP A 215 8.88 7.33 -19.91
CA TRP A 215 10.29 7.10 -19.63
C TRP A 215 10.79 5.83 -20.32
N LYS A 221 15.05 6.23 -15.02
CA LYS A 221 14.93 4.77 -15.08
C LYS A 221 14.93 4.13 -13.68
N PHE A 222 14.70 2.82 -13.61
CA PHE A 222 14.21 2.14 -12.40
C PHE A 222 15.17 1.06 -11.91
N THR A 223 14.79 0.42 -10.79
CA THR A 223 15.42 -0.72 -10.14
C THR A 223 14.82 -2.02 -10.64
N PRO A 224 15.58 -3.13 -10.55
CA PRO A 224 15.09 -4.38 -11.15
C PRO A 224 13.81 -4.89 -10.53
N LEU A 225 13.62 -4.69 -9.22
CA LEU A 225 12.39 -5.14 -8.59
C LEU A 225 11.21 -4.36 -9.11
N LEU A 226 11.37 -3.05 -9.34
CA LEU A 226 10.28 -2.27 -9.90
C LEU A 226 10.04 -2.63 -11.36
N CYS A 227 11.11 -2.93 -12.12
CA CYS A 227 10.92 -3.34 -13.52
C CYS A 227 10.11 -4.63 -13.63
N GLU A 228 10.39 -5.61 -12.76
CA GLU A 228 9.60 -6.85 -12.78
C GLU A 228 8.14 -6.56 -12.46
N ILE A 229 7.89 -5.85 -11.36
CA ILE A 229 6.55 -5.71 -10.85
C ILE A 229 5.66 -4.80 -11.70
N TRP A 230 6.24 -4.01 -12.61
CA TRP A 230 5.47 -3.12 -13.48
C TRP A 230 5.72 -3.36 -14.98
N ASP A 231 6.63 -4.27 -15.35
CA ASP A 231 6.94 -4.57 -16.76
C ASP A 231 7.45 -3.36 -17.53
N HIS B 3 10.36 -13.27 -13.46
CA HIS B 3 10.28 -12.55 -12.19
C HIS B 3 11.30 -13.05 -11.19
N GLN B 4 12.56 -13.21 -11.62
CA GLN B 4 13.58 -13.83 -10.79
C GLN B 4 13.64 -13.20 -9.41
N LEU B 5 13.78 -11.88 -9.35
CA LEU B 5 13.96 -11.23 -8.05
C LEU B 5 12.69 -11.32 -7.19
N LEU B 6 11.52 -11.12 -7.80
CA LEU B 6 10.25 -11.21 -7.06
C LEU B 6 10.07 -12.58 -6.43
N ARG B 7 10.20 -13.64 -7.23
CA ARG B 7 10.05 -14.99 -6.69
C ARG B 7 11.10 -15.29 -5.61
N TYR B 8 12.32 -14.74 -5.74
CA TYR B 8 13.32 -14.95 -4.70
C TYR B 8 12.84 -14.37 -3.36
N LEU B 9 12.30 -13.14 -3.41
CA LEU B 9 11.77 -12.52 -2.20
C LEU B 9 10.55 -13.26 -1.68
N LEU B 10 9.84 -13.98 -2.53
CA LEU B 10 8.66 -14.71 -2.06
C LEU B 10 9.03 -15.97 -1.27
N ASP B 11 10.15 -16.64 -1.63
CA ASP B 11 10.52 -17.95 -1.09
C ASP B 11 11.47 -17.89 0.11
N LYS B 12 12.14 -16.77 0.34
CA LYS B 12 13.07 -16.54 1.47
C LYS B 12 12.88 -17.44 2.70
C4 9L1 C . 7.98 5.17 5.68
C5 9L1 C . 8.36 4.65 6.92
C6 9L1 C . 9.13 5.44 7.78
C8 9L1 C . 7.96 3.28 7.33
C15 9L1 C . 5.55 6.84 -5.45
C17 9L1 C . 5.10 5.70 -3.14
C20 9L1 C . 6.63 7.12 -1.89
C21 9L1 C . 7.18 8.73 -3.90
C22 9L1 C . 4.90 8.46 -2.99
C24 9L1 C . 6.42 7.80 -7.67
C26 9L1 C . 4.96 5.73 -7.66
C28 9L1 C . 6.11 6.42 -8.32
C1 9L1 C . 9.51 6.72 7.41
C11 9L1 C . 10.33 7.56 8.32
C14 9L1 C . 6.00 6.56 -4.03
C16 9L1 C . 6.27 7.76 -3.21
C18 9L1 C . 6.68 7.60 -6.14
C19 9L1 C . 5.24 5.53 -6.18
C2 9L1 C . 9.12 7.23 6.17
C23 9L1 C . 5.62 5.97 -1.73
C25 9L1 C . 6.97 8.89 -5.42
C27 9L1 C . 6.74 7.96 -0.58
C29 9L1 C . 7.64 8.41 -8.36
C3 9L1 C . 8.36 6.46 5.31
C30 9L1 C . 5.23 8.75 -7.88
C31 9L1 C . 7.24 7.04 0.54
C32 9L1 C . 7.65 9.16 -0.71
C33 9L1 C . 7.34 5.52 -8.39
C34 9L1 C . 8.86 7.48 -8.39
C35 9L1 C . 7.21 7.67 1.93
C36 9L1 C . 8.51 6.18 -9.08
C37 9L1 C . 7.32 6.66 3.04
N7 9L1 C . 8.04 7.10 4.08
O10 9L1 C . 7.29 2.61 6.43
O12 9L1 C . 10.80 8.63 7.95
O13 9L1 C . 10.49 7.08 9.53
O38 9L1 C . 9.63 5.28 -9.08
O39 9L1 C . 6.78 5.56 2.98
O9 9L1 C . 8.25 2.82 8.43
#